data_5WR7
#
_entry.id   5WR7
#
_cell.length_a   104.262
_cell.length_b   104.262
_cell.length_c   203.609
_cell.angle_alpha   90.00
_cell.angle_beta   90.00
_cell.angle_gamma   120.00
#
_symmetry.space_group_name_H-M   'H 3 2'
#
loop_
_entity.id
_entity.type
_entity.pdbx_description
1 polymer 'High affinity nerve growth factor receptor'
2 non-polymer N-tert-butyl-2-[2-[6,6-dimethyl-8-(methylsulfonylamino)-11-oxidanylidene-naphtho[2,3-b][1]benzofuran-3-yl]ethynyl]-6-methyl-pyridine-4-carboxamide
3 water water
#
_entity_poly.entity_id   1
_entity_poly.type   'polypeptide(L)'
_entity_poly.pdbx_seq_one_letter_code
;HIIENPQYFSDACVHHIKRRDIVLKWELGEGAFGKVFLAECHNLLPEQDKMLVAVKALKEASESARQDFQREAELLTMLQ
HQHIVRFFGVCTEGRPLLMVFEYMRHGDLNRFLRSHGPDAKLLAGGEDVAPGPLGLGQLLAVASQVAAGMVYLAGLHFVH
RDLATRNCLVGQGLVVKIGDFGMSRDIY(SEP)TDYYRVGGRTMLPIRWMPPESILYRKFTTESDVWSFGVVLWEIFTYG
KQPWYQLSNTEAIDCITQGRELERPRACPPEVYAIMRGCWQREPQQRHSIKDVHARLQALAQAPPVYL
;
_entity_poly.pdbx_strand_id   A
#
loop_
_chem_comp.id
_chem_comp.type
_chem_comp.name
_chem_comp.formula
RCH non-polymer N-tert-butyl-2-[2-[6,6-dimethyl-8-(methylsulfonylamino)-11-oxidanylidene-naphtho[2,3-b][1]benzofuran-3-yl]ethynyl]-6-methyl-pyridine-4-carboxamide 'C32 H31 N3 O5 S'
#
# COMPACT_ATOMS: atom_id res chain seq x y z
N HIS A 1 -8.39 0.64 38.27
CA HIS A 1 -7.10 0.87 37.53
C HIS A 1 -6.51 2.21 37.97
N ILE A 2 -5.25 2.19 38.41
CA ILE A 2 -4.62 3.38 39.00
C ILE A 2 -3.37 3.81 38.20
N ILE A 3 -3.14 5.13 38.21
CA ILE A 3 -2.05 5.77 37.48
C ILE A 3 -0.73 5.64 38.23
N GLU A 4 0.24 4.95 37.64
CA GLU A 4 1.59 4.86 38.19
C GLU A 4 2.71 5.07 37.15
N ASN A 5 2.41 5.85 36.10
CA ASN A 5 3.37 6.17 35.04
C ASN A 5 3.08 7.55 34.44
N PRO A 6 4.01 8.09 33.61
CA PRO A 6 3.67 9.36 32.98
C PRO A 6 2.54 9.19 31.99
N GLN A 7 1.53 10.03 32.09
CA GLN A 7 0.35 9.94 31.24
C GLN A 7 0.34 11.12 30.28
N TYR A 8 0.28 10.82 28.99
CA TYR A 8 0.25 11.85 27.95
C TYR A 8 -1.19 12.05 27.50
N PHE A 9 -1.75 13.22 27.82
CA PHE A 9 -3.11 13.61 27.46
C PHE A 9 -3.28 13.72 25.95
N SER A 10 -2.31 14.39 25.31
CA SER A 10 -2.38 14.74 23.89
C SER A 10 -2.67 13.56 22.97
N ASP A 11 -3.56 13.78 22.00
CA ASP A 11 -4.05 12.70 21.14
C ASP A 11 -4.68 13.22 19.86
N ALA A 12 -4.84 12.32 18.89
CA ALA A 12 -5.57 12.60 17.66
C ALA A 12 -7.07 12.50 17.89
N CYS A 13 -7.83 13.41 17.29
CA CYS A 13 -9.29 13.42 17.41
C CYS A 13 -9.90 12.32 16.53
N VAL A 14 -9.79 11.08 17.02
CA VAL A 14 -10.24 9.89 16.30
C VAL A 14 -11.76 9.88 16.25
N HIS A 15 -12.32 9.79 15.05
CA HIS A 15 -13.76 9.77 14.87
C HIS A 15 -14.32 8.39 15.24
N HIS A 16 -15.33 8.38 16.09
CA HIS A 16 -15.98 7.13 16.50
C HIS A 16 -17.32 7.01 15.80
N ILE A 17 -17.55 5.84 15.19
CA ILE A 17 -18.77 5.54 14.43
C ILE A 17 -19.60 4.53 15.24
N LYS A 18 -20.90 4.78 15.34
CA LYS A 18 -21.83 3.88 16.04
C LYS A 18 -22.02 2.62 15.20
N ARG A 19 -22.06 1.46 15.86
CA ARG A 19 -22.17 0.17 15.16
C ARG A 19 -23.47 -0.02 14.37
N ARG A 20 -24.56 0.59 14.85
CA ARG A 20 -25.86 0.58 14.17
C ARG A 20 -25.82 1.29 12.80
N ASP A 21 -24.98 2.32 12.70
CA ASP A 21 -24.78 3.05 11.44
C ASP A 21 -24.01 2.28 10.37
N ILE A 22 -23.26 1.25 10.77
CA ILE A 22 -22.55 0.36 9.84
C ILE A 22 -23.44 -0.86 9.53
N VAL A 23 -23.64 -1.12 8.24
CA VAL A 23 -24.42 -2.26 7.77
C VAL A 23 -23.57 -3.08 6.82
N LEU A 24 -23.08 -4.22 7.30
CA LEU A 24 -22.20 -5.08 6.52
C LEU A 24 -22.96 -5.80 5.42
N LYS A 25 -22.55 -5.56 4.17
CA LYS A 25 -23.15 -6.20 3.00
C LYS A 25 -22.54 -7.58 2.76
N TRP A 26 -21.23 -7.61 2.54
CA TRP A 26 -20.51 -8.85 2.26
C TRP A 26 -19.00 -8.71 2.42
N GLU A 27 -18.34 -9.86 2.50
CA GLU A 27 -16.90 -9.96 2.70
C GLU A 27 -16.18 -9.68 1.39
N LEU A 28 -15.25 -8.73 1.42
CA LEU A 28 -14.40 -8.41 0.28
C LEU A 28 -13.08 -9.17 0.31
N GLY A 29 -12.42 -9.15 1.46
CA GLY A 29 -11.15 -9.86 1.66
C GLY A 29 -11.06 -10.51 3.04
N GLU A 30 -10.03 -11.33 3.21
CA GLU A 30 -9.82 -12.09 4.45
C GLU A 30 -8.33 -12.35 4.68
N GLY A 31 -7.94 -12.28 5.96
CA GLY A 31 -6.59 -12.62 6.40
C GLY A 31 -6.66 -13.50 7.61
N ALA A 32 -5.50 -13.86 8.14
CA ALA A 32 -5.41 -14.66 9.37
C ALA A 32 -5.93 -13.89 10.59
N PHE A 33 -5.66 -12.58 10.64
CA PHE A 33 -6.03 -11.74 11.79
C PHE A 33 -7.05 -10.63 11.46
N GLY A 34 -7.78 -10.78 10.37
CA GLY A 34 -8.80 -9.81 10.03
C GLY A 34 -9.61 -10.13 8.80
N LYS A 35 -10.71 -9.40 8.65
CA LYS A 35 -11.57 -9.44 7.47
C LYS A 35 -11.81 -8.02 6.97
N VAL A 36 -11.99 -7.88 5.66
CA VAL A 36 -12.45 -6.63 5.04
C VAL A 36 -13.85 -6.87 4.49
N PHE A 37 -14.76 -5.94 4.77
CA PHE A 37 -16.15 -6.02 4.33
C PHE A 37 -16.48 -4.81 3.48
N LEU A 38 -17.39 -4.99 2.53
CA LEU A 38 -18.11 -3.88 1.92
C LEU A 38 -19.30 -3.60 2.82
N ALA A 39 -19.62 -2.33 2.99
CA ALA A 39 -20.70 -1.93 3.89
C ALA A 39 -21.31 -0.59 3.50
N GLU A 40 -22.58 -0.41 3.89
CA GLU A 40 -23.26 0.87 3.81
C GLU A 40 -23.12 1.54 5.16
N CYS A 41 -22.77 2.83 5.15
CA CYS A 41 -22.54 3.58 6.39
C CYS A 41 -23.43 4.83 6.47
N HIS A 42 -24.39 4.80 7.41
CA HIS A 42 -25.32 5.92 7.60
C HIS A 42 -24.69 7.05 8.42
N ASN A 43 -25.17 8.27 8.18
CA ASN A 43 -24.79 9.46 8.96
C ASN A 43 -23.27 9.74 9.05
N LEU A 44 -22.53 9.34 8.02
CA LEU A 44 -21.08 9.48 8.00
C LEU A 44 -20.70 10.82 7.39
N LEU A 45 -21.21 11.08 6.19
CA LEU A 45 -21.03 12.36 5.48
C LEU A 45 -22.36 13.07 5.26
N PRO A 46 -22.34 14.41 5.02
CA PRO A 46 -23.59 15.16 4.87
C PRO A 46 -24.11 15.15 3.43
N GLU A 47 -25.43 15.20 3.28
CA GLU A 47 -26.12 15.07 1.97
C GLU A 47 -25.80 13.75 1.23
N GLN A 48 -25.13 12.85 1.94
CA GLN A 48 -24.77 11.52 1.47
C GLN A 48 -25.10 10.68 2.68
N ASP A 49 -26.37 10.77 3.09
CA ASP A 49 -26.87 10.12 4.30
C ASP A 49 -26.63 8.61 4.29
N LYS A 50 -26.42 8.06 3.10
CA LYS A 50 -25.98 6.69 2.91
C LYS A 50 -24.82 6.63 1.91
N MET A 51 -23.84 5.78 2.18
CA MET A 51 -22.68 5.60 1.28
C MET A 51 -21.93 4.29 1.51
N LEU A 52 -21.32 3.77 0.44
CA LEU A 52 -20.52 2.55 0.50
C LEU A 52 -19.15 2.80 1.12
N VAL A 53 -18.70 1.86 1.94
CA VAL A 53 -17.41 1.96 2.64
C VAL A 53 -16.74 0.59 2.74
N ALA A 54 -15.43 0.61 2.94
CA ALA A 54 -14.65 -0.59 3.26
C ALA A 54 -14.45 -0.64 4.77
N VAL A 55 -14.90 -1.73 5.39
CA VAL A 55 -14.85 -1.90 6.84
C VAL A 55 -13.90 -3.04 7.17
N LYS A 56 -12.78 -2.73 7.83
CA LYS A 56 -11.87 -3.75 8.37
C LYS A 56 -12.40 -4.22 9.71
N ALA A 57 -12.61 -5.53 9.85
CA ALA A 57 -12.91 -6.14 11.15
C ALA A 57 -11.65 -6.83 11.61
N LEU A 58 -11.09 -6.39 12.73
CA LEU A 58 -9.78 -6.84 13.21
C LEU A 58 -9.92 -7.64 14.50
N LYS A 59 -9.28 -8.81 14.53
CA LYS A 59 -9.31 -9.72 15.69
C LYS A 59 -8.15 -9.38 16.64
N GLU A 60 -8.32 -8.30 17.40
CA GLU A 60 -7.33 -7.84 18.37
C GLU A 60 -7.58 -8.59 19.70
N ALA A 61 -6.75 -9.58 19.98
CA ALA A 61 -6.94 -10.47 21.12
C ALA A 61 -6.61 -9.80 22.47
N SER A 62 -5.34 -9.47 22.66
CA SER A 62 -4.84 -9.00 23.96
C SER A 62 -5.18 -7.53 24.21
N GLU A 63 -4.85 -7.06 25.41
CA GLU A 63 -4.87 -5.62 25.72
C GLU A 63 -3.82 -4.87 24.88
N SER A 64 -2.65 -5.49 24.72
CA SER A 64 -1.60 -5.02 23.80
C SER A 64 -2.07 -4.90 22.34
N ALA A 65 -2.91 -5.83 21.91
CA ALA A 65 -3.49 -5.82 20.57
C ALA A 65 -4.43 -4.63 20.36
N ARG A 66 -5.28 -4.36 21.34
CA ARG A 66 -6.17 -3.19 21.32
C ARG A 66 -5.43 -1.86 21.49
N GLN A 67 -4.28 -1.88 22.16
CA GLN A 67 -3.38 -0.71 22.21
C GLN A 67 -2.81 -0.40 20.83
N ASP A 68 -2.34 -1.44 20.12
CA ASP A 68 -1.87 -1.31 18.74
C ASP A 68 -2.97 -0.79 17.81
N PHE A 69 -4.19 -1.25 18.04
CA PHE A 69 -5.36 -0.80 17.30
C PHE A 69 -5.64 0.69 17.50
N GLN A 70 -5.58 1.13 18.75
CA GLN A 70 -5.76 2.55 19.10
C GLN A 70 -4.61 3.41 18.59
N ARG A 71 -3.39 2.91 18.73
CA ARG A 71 -2.20 3.56 18.18
C ARG A 71 -2.32 3.77 16.68
N GLU A 72 -2.76 2.75 15.97
CA GLU A 72 -2.91 2.81 14.52
C GLU A 72 -4.04 3.76 14.11
N ALA A 73 -5.19 3.63 14.76
CA ALA A 73 -6.33 4.55 14.54
C ALA A 73 -5.95 6.02 14.74
N GLU A 74 -5.04 6.27 15.67
CA GLU A 74 -4.53 7.61 15.98
C GLU A 74 -3.67 8.15 14.84
N LEU A 75 -2.72 7.33 14.38
CA LEU A 75 -1.82 7.68 13.28
C LEU A 75 -2.57 7.95 11.97
N LEU A 76 -3.53 7.10 11.64
CA LEU A 76 -4.31 7.25 10.41
C LEU A 76 -5.22 8.47 10.41
N THR A 77 -5.64 8.91 11.60
CA THR A 77 -6.39 10.16 11.73
C THR A 77 -5.49 11.35 11.42
N MET A 78 -4.24 11.28 11.90
CA MET A 78 -3.24 12.32 11.66
C MET A 78 -2.74 12.38 10.22
N LEU A 79 -2.52 11.21 9.61
CA LEU A 79 -1.87 11.10 8.30
C LEU A 79 -2.79 11.25 7.08
N GLN A 80 -3.98 11.83 7.25
CA GLN A 80 -4.90 11.99 6.13
C GLN A 80 -4.40 12.98 5.09
N HIS A 81 -4.40 12.52 3.83
CA HIS A 81 -3.91 13.31 2.71
C HIS A 81 -4.43 12.77 1.37
N GLN A 82 -4.10 13.48 0.29
CA GLN A 82 -4.65 13.24 -1.04
C GLN A 82 -4.43 11.85 -1.67
N HIS A 83 -3.25 11.25 -1.49
CA HIS A 83 -2.98 9.94 -2.11
C HIS A 83 -2.84 8.81 -1.08
N ILE A 84 -3.38 9.07 0.10
CA ILE A 84 -3.51 8.09 1.16
C ILE A 84 -4.98 7.73 1.21
N VAL A 85 -5.30 6.43 1.27
CA VAL A 85 -6.68 6.00 1.33
C VAL A 85 -7.39 6.65 2.52
N ARG A 86 -8.63 7.08 2.29
CA ARG A 86 -9.36 7.89 3.26
C ARG A 86 -9.91 7.04 4.38
N PHE A 87 -9.59 7.44 5.61
CA PHE A 87 -9.97 6.76 6.84
C PHE A 87 -11.03 7.63 7.50
N PHE A 88 -12.21 7.06 7.73
CA PHE A 88 -13.35 7.80 8.26
C PHE A 88 -13.51 7.72 9.77
N GLY A 89 -13.08 6.61 10.37
CA GLY A 89 -13.14 6.44 11.82
C GLY A 89 -13.17 4.98 12.24
N VAL A 90 -13.44 4.75 13.52
CA VAL A 90 -13.48 3.40 14.09
C VAL A 90 -14.80 3.09 14.80
N CYS A 91 -14.99 1.81 15.06
CA CYS A 91 -16.07 1.32 15.90
C CYS A 91 -15.50 0.33 16.90
N THR A 92 -15.27 0.83 18.11
CA THR A 92 -14.83 0.06 19.27
C THR A 92 -16.02 -0.37 20.16
N GLU A 93 -17.23 0.01 19.74
CA GLU A 93 -18.48 -0.43 20.37
C GLU A 93 -18.70 -1.92 20.07
N GLY A 94 -18.53 -2.75 21.09
CA GLY A 94 -18.68 -4.20 20.94
C GLY A 94 -17.50 -4.85 20.26
N ARG A 95 -17.74 -6.04 19.70
CA ARG A 95 -16.70 -6.89 19.10
C ARG A 95 -17.22 -7.53 17.81
N PRO A 96 -16.41 -7.55 16.72
CA PRO A 96 -15.01 -7.12 16.60
C PRO A 96 -14.81 -5.62 16.46
N LEU A 97 -13.56 -5.19 16.60
CA LEU A 97 -13.18 -3.80 16.43
C LEU A 97 -13.12 -3.49 14.95
N LEU A 98 -13.74 -2.39 14.54
CA LEU A 98 -13.84 -2.02 13.13
C LEU A 98 -13.11 -0.72 12.81
N MET A 99 -12.47 -0.71 11.64
CA MET A 99 -11.88 0.50 11.07
C MET A 99 -12.62 0.75 9.75
N VAL A 100 -13.10 1.98 9.56
CA VAL A 100 -13.90 2.31 8.39
C VAL A 100 -13.10 3.18 7.43
N PHE A 101 -12.98 2.69 6.19
CA PHE A 101 -12.28 3.38 5.13
C PHE A 101 -13.21 3.56 3.94
N GLU A 102 -12.79 4.40 3.00
CA GLU A 102 -13.54 4.59 1.76
C GLU A 102 -13.51 3.32 0.89
N TYR A 103 -14.59 3.11 0.13
CA TYR A 103 -14.70 1.99 -0.80
C TYR A 103 -13.90 2.29 -2.05
N MET A 104 -12.89 1.47 -2.33
CA MET A 104 -12.06 1.60 -3.53
C MET A 104 -12.47 0.50 -4.51
N ARG A 105 -13.25 0.89 -5.52
CA ARG A 105 -13.92 -0.02 -6.47
C ARG A 105 -13.08 -1.17 -7.03
N HIS A 106 -11.85 -0.90 -7.41
CA HIS A 106 -10.99 -1.90 -8.08
C HIS A 106 -10.09 -2.72 -7.16
N GLY A 107 -10.29 -2.60 -5.85
CA GLY A 107 -9.56 -3.40 -4.89
C GLY A 107 -8.12 -2.94 -4.80
N ASP A 108 -7.22 -3.86 -4.48
CA ASP A 108 -5.80 -3.52 -4.34
C ASP A 108 -5.13 -3.46 -5.70
N LEU A 109 -4.05 -2.70 -5.78
CA LEU A 109 -3.37 -2.43 -7.04
C LEU A 109 -2.70 -3.67 -7.67
N ASN A 110 -2.27 -4.62 -6.84
CA ASN A 110 -1.63 -5.82 -7.36
C ASN A 110 -2.62 -6.69 -8.13
N ARG A 111 -3.76 -6.95 -7.49
CA ARG A 111 -4.83 -7.72 -8.12
C ARG A 111 -5.34 -7.02 -9.37
N PHE A 112 -5.50 -5.70 -9.28
CA PHE A 112 -5.89 -4.86 -10.42
C PHE A 112 -4.92 -5.02 -11.59
N LEU A 113 -3.62 -4.83 -11.31
CA LEU A 113 -2.58 -4.95 -12.33
C LEU A 113 -2.55 -6.34 -12.97
N ARG A 114 -2.55 -7.37 -12.12
CA ARG A 114 -2.61 -8.76 -12.59
C ARG A 114 -3.79 -9.04 -13.52
N SER A 115 -4.95 -8.48 -13.19
CA SER A 115 -6.16 -8.68 -13.98
C SER A 115 -6.16 -7.96 -15.34
N HIS A 116 -5.33 -6.92 -15.46
CA HIS A 116 -5.10 -6.22 -16.73
C HIS A 116 -3.80 -6.63 -17.46
N GLY A 117 -3.09 -7.63 -16.94
CA GLY A 117 -1.84 -8.09 -17.55
C GLY A 117 -2.06 -8.91 -18.81
N PRO A 118 -1.00 -9.10 -19.63
CA PRO A 118 -1.12 -9.95 -20.83
C PRO A 118 -1.39 -11.43 -20.52
N ASP A 119 -0.85 -11.92 -19.41
CA ASP A 119 -1.04 -13.31 -18.97
C ASP A 119 -2.29 -13.52 -18.10
N ALA A 120 -3.24 -12.57 -18.14
CA ALA A 120 -4.48 -12.68 -17.40
C ALA A 120 -5.39 -13.71 -18.04
N LYS A 121 -5.72 -14.77 -17.31
CA LYS A 121 -6.56 -15.86 -17.79
C LYS A 121 -8.02 -15.45 -18.06
N LEU A 122 -8.47 -14.39 -17.41
CA LEU A 122 -9.76 -13.73 -17.71
C LEU A 122 -9.57 -12.22 -17.87
N LEU A 123 -10.31 -11.61 -18.79
CA LEU A 123 -10.29 -10.16 -19.00
C LEU A 123 -11.17 -9.46 -17.97
N ALA A 124 -10.56 -8.57 -17.17
CA ALA A 124 -11.27 -7.70 -16.23
C ALA A 124 -11.39 -6.31 -16.83
N GLY A 125 -12.55 -5.69 -16.66
CA GLY A 125 -12.79 -4.36 -17.20
C GLY A 125 -14.14 -3.82 -16.77
N GLY A 126 -14.28 -2.50 -16.84
CA GLY A 126 -15.52 -1.82 -16.49
C GLY A 126 -15.74 -0.57 -17.31
N GLU A 127 -16.57 0.32 -16.78
CA GLU A 127 -16.92 1.59 -17.43
C GLU A 127 -15.74 2.58 -17.50
N ASP A 128 -14.80 2.46 -16.58
CA ASP A 128 -13.67 3.40 -16.48
C ASP A 128 -12.33 2.87 -17.02
N VAL A 129 -12.19 1.55 -17.18
CA VAL A 129 -10.96 0.94 -17.67
C VAL A 129 -11.25 0.01 -18.84
N ALA A 130 -10.33 0.01 -19.80
CA ALA A 130 -10.42 -0.85 -20.96
C ALA A 130 -9.84 -2.20 -20.58
N PRO A 131 -10.52 -3.31 -20.95
CA PRO A 131 -9.92 -4.63 -20.70
C PRO A 131 -8.55 -4.82 -21.33
N GLY A 132 -7.72 -5.66 -20.72
CA GLY A 132 -6.38 -5.93 -21.21
C GLY A 132 -5.40 -4.88 -20.72
N PRO A 133 -4.20 -4.79 -21.36
CA PRO A 133 -3.15 -3.87 -20.95
C PRO A 133 -3.57 -2.40 -20.84
N LEU A 134 -2.96 -1.72 -19.88
CA LEU A 134 -3.15 -0.30 -19.69
C LEU A 134 -2.20 0.45 -20.58
N GLY A 135 -2.44 1.75 -20.72
CA GLY A 135 -1.54 2.62 -21.48
C GLY A 135 -0.28 2.90 -20.67
N LEU A 136 0.80 3.24 -21.37
CA LEU A 136 2.03 3.71 -20.73
C LEU A 136 1.78 4.91 -19.83
N GLY A 137 1.00 5.87 -20.34
CA GLY A 137 0.55 7.03 -19.56
C GLY A 137 -0.25 6.68 -18.32
N GLN A 138 -1.11 5.67 -18.43
CA GLN A 138 -1.90 5.20 -17.28
C GLN A 138 -1.02 4.54 -16.21
N LEU A 139 -0.05 3.73 -16.65
CA LEU A 139 0.93 3.13 -15.75
C LEU A 139 1.76 4.18 -15.00
N LEU A 140 2.13 5.25 -15.70
CA LEU A 140 2.91 6.33 -15.10
C LEU A 140 2.09 7.14 -14.09
N ALA A 141 0.84 7.42 -14.44
CA ALA A 141 -0.12 8.06 -13.52
C ALA A 141 -0.25 7.29 -12.20
N VAL A 142 -0.39 5.97 -12.29
CA VAL A 142 -0.48 5.09 -11.12
C VAL A 142 0.74 5.28 -10.21
N ALA A 143 1.94 5.08 -10.77
CA ALA A 143 3.20 5.24 -10.05
C ALA A 143 3.36 6.65 -9.46
N SER A 144 3.00 7.66 -10.26
CA SER A 144 3.09 9.06 -9.86
C SER A 144 2.23 9.38 -8.62
N GLN A 145 1.04 8.78 -8.55
CA GLN A 145 0.13 8.96 -7.42
C GLN A 145 0.64 8.26 -6.17
N VAL A 146 1.17 7.06 -6.34
CA VAL A 146 1.81 6.33 -5.24
C VAL A 146 2.98 7.15 -4.70
N ALA A 147 3.82 7.65 -5.60
CA ALA A 147 4.95 8.52 -5.24
C ALA A 147 4.50 9.76 -4.48
N ALA A 148 3.40 10.37 -4.91
CA ALA A 148 2.85 11.55 -4.24
C ALA A 148 2.46 11.27 -2.79
N GLY A 149 1.86 10.11 -2.56
CA GLY A 149 1.55 9.65 -1.22
C GLY A 149 2.78 9.49 -0.36
N MET A 150 3.83 8.89 -0.92
CA MET A 150 5.11 8.73 -0.22
C MET A 150 5.78 10.06 0.14
N VAL A 151 5.63 11.08 -0.72
CA VAL A 151 6.16 12.42 -0.45
C VAL A 151 5.61 12.97 0.88
N TYR A 152 4.29 12.82 1.07
CA TYR A 152 3.61 13.29 2.28
C TYR A 152 4.07 12.55 3.54
N LEU A 153 4.19 11.23 3.43
CA LEU A 153 4.67 10.39 4.53
C LEU A 153 6.10 10.73 4.92
N ALA A 154 6.95 10.95 3.92
CA ALA A 154 8.35 11.37 4.14
C ALA A 154 8.45 12.76 4.79
N GLY A 155 7.55 13.65 4.41
CA GLY A 155 7.45 14.97 5.05
C GLY A 155 7.17 14.95 6.54
N LEU A 156 6.42 13.94 6.99
CA LEU A 156 6.11 13.74 8.40
C LEU A 156 7.03 12.72 9.10
N HIS A 157 8.18 12.43 8.50
CA HIS A 157 9.18 11.51 9.04
C HIS A 157 8.58 10.13 9.33
N PHE A 158 7.80 9.65 8.37
CA PHE A 158 7.02 8.43 8.53
C PHE A 158 7.39 7.45 7.43
N VAL A 159 7.66 6.22 7.84
CA VAL A 159 8.09 5.16 6.94
C VAL A 159 6.96 4.13 6.86
N HIS A 160 6.59 3.74 5.66
CA HIS A 160 5.61 2.67 5.44
C HIS A 160 6.17 1.30 5.85
N ARG A 161 7.37 0.98 5.36
CA ARG A 161 8.05 -0.32 5.61
C ARG A 161 7.45 -1.56 4.94
N ASP A 162 6.40 -1.36 4.14
CA ASP A 162 5.74 -2.42 3.40
C ASP A 162 5.04 -1.80 2.19
N LEU A 163 5.80 -0.98 1.46
CA LEU A 163 5.29 -0.32 0.28
C LEU A 163 5.33 -1.33 -0.84
N ALA A 164 4.14 -1.69 -1.33
CA ALA A 164 3.98 -2.66 -2.40
C ALA A 164 2.61 -2.48 -3.02
N THR A 165 2.44 -2.95 -4.25
CA THR A 165 1.17 -2.76 -4.97
C THR A 165 -0.02 -3.39 -4.23
N ARG A 166 0.21 -4.53 -3.56
CA ARG A 166 -0.83 -5.19 -2.75
C ARG A 166 -1.42 -4.29 -1.65
N ASN A 167 -0.61 -3.39 -1.11
CA ASN A 167 -1.05 -2.41 -0.11
C ASN A 167 -1.56 -1.08 -0.66
N CYS A 168 -1.40 -0.84 -1.96
CA CYS A 168 -2.05 0.27 -2.65
C CYS A 168 -3.46 -0.13 -3.09
N LEU A 169 -4.39 0.83 -3.04
CA LEU A 169 -5.79 0.63 -3.46
C LEU A 169 -6.11 1.48 -4.68
N VAL A 170 -7.04 1.00 -5.51
CA VAL A 170 -7.42 1.63 -6.77
C VAL A 170 -8.93 1.88 -6.77
N GLY A 171 -9.32 3.15 -6.89
CA GLY A 171 -10.72 3.55 -6.90
C GLY A 171 -11.21 3.95 -8.29
N GLN A 172 -12.40 4.52 -8.35
CA GLN A 172 -13.03 4.93 -9.61
C GLN A 172 -12.22 5.99 -10.35
N GLY A 173 -12.12 5.84 -11.66
CA GLY A 173 -11.33 6.73 -12.52
C GLY A 173 -9.84 6.45 -12.43
N LEU A 174 -9.49 5.26 -11.96
CA LEU A 174 -8.10 4.85 -11.71
C LEU A 174 -7.33 5.74 -10.72
N VAL A 175 -8.03 6.22 -9.70
CA VAL A 175 -7.40 6.96 -8.62
C VAL A 175 -6.72 5.94 -7.69
N VAL A 176 -5.41 6.04 -7.57
CA VAL A 176 -4.61 5.14 -6.75
C VAL A 176 -4.23 5.82 -5.44
N LYS A 177 -4.38 5.09 -4.34
CA LYS A 177 -4.05 5.58 -3.01
C LYS A 177 -3.33 4.52 -2.21
N ILE A 178 -2.41 4.98 -1.35
CA ILE A 178 -1.65 4.07 -0.50
C ILE A 178 -2.49 3.71 0.68
N GLY A 179 -2.50 2.42 1.01
CA GLY A 179 -3.05 1.92 2.26
C GLY A 179 -2.08 0.99 2.92
N ASP A 180 -2.61 0.01 3.63
CA ASP A 180 -1.79 -0.97 4.35
C ASP A 180 -2.70 -2.12 4.76
N PHE A 181 -2.07 -3.25 5.08
CA PHE A 181 -2.75 -4.42 5.55
C PHE A 181 -1.90 -5.06 6.63
N GLY A 182 -2.43 -5.11 7.85
CA GLY A 182 -1.80 -5.82 8.94
C GLY A 182 -2.41 -7.20 9.17
N MET A 183 -3.46 -7.54 8.41
CA MET A 183 -4.22 -8.75 8.68
C MET A 183 -3.64 -10.05 8.12
N SER A 184 -2.56 -9.96 7.34
CA SER A 184 -1.87 -11.13 6.77
C SER A 184 -2.79 -11.95 5.87
N ARG A 185 -3.19 -11.34 4.75
CA ARG A 185 -4.03 -11.99 3.76
C ARG A 185 -3.32 -13.24 3.22
N ASP A 186 -4.08 -14.32 3.10
CA ASP A 186 -3.54 -15.62 2.65
C ASP A 186 -3.13 -15.61 1.17
N ILE A 187 -3.59 -14.60 0.44
CA ILE A 187 -3.26 -14.37 -0.98
C ILE A 187 -1.84 -13.82 -1.15
N TYR A 188 -1.40 -12.93 -0.26
CA TYR A 188 -0.08 -12.29 -0.35
C TYR A 188 0.92 -12.80 0.68
N SEP A 189 0.85 -14.08 1.04
CA SEP A 189 1.72 -14.61 2.10
CB SEP A 189 1.06 -15.80 2.79
OG SEP A 189 1.20 -17.00 2.04
C SEP A 189 3.11 -14.93 1.60
O SEP A 189 4.09 -14.67 2.32
P SEP A 189 1.21 -18.45 2.76
O1P SEP A 189 1.50 -18.24 4.24
O2P SEP A 189 -0.18 -18.98 2.47
O3P SEP A 189 2.32 -19.17 2.02
N THR A 190 3.24 -15.48 0.39
CA THR A 190 4.55 -15.68 -0.26
C THR A 190 5.39 -14.40 -0.45
N ASP A 191 4.73 -13.24 -0.42
CA ASP A 191 5.41 -11.94 -0.43
C ASP A 191 6.19 -11.65 0.85
N TYR A 192 5.91 -12.39 1.92
CA TYR A 192 6.60 -12.22 3.19
C TYR A 192 7.44 -13.44 3.56
N TYR A 193 8.64 -13.16 4.08
CA TYR A 193 9.55 -14.18 4.61
C TYR A 193 9.25 -14.39 6.09
N ARG A 194 9.03 -15.65 6.47
CA ARG A 194 8.71 -16.04 7.85
C ARG A 194 9.83 -16.84 8.49
N VAL A 195 10.15 -16.49 9.74
CA VAL A 195 11.08 -17.28 10.58
C VAL A 195 10.63 -17.14 12.04
N GLY A 196 10.30 -18.27 12.66
CA GLY A 196 9.82 -18.29 14.05
C GLY A 196 8.40 -17.79 14.17
N THR A 199 7.83 -13.37 13.19
CA THR A 199 8.30 -12.26 12.37
C THR A 199 7.94 -12.46 10.89
N MET A 200 7.52 -11.38 10.24
CA MET A 200 7.08 -11.40 8.84
C MET A 200 7.75 -10.22 8.14
N LEU A 201 8.61 -10.48 7.16
CA LEU A 201 9.37 -9.43 6.49
C LEU A 201 9.10 -9.44 4.99
N PRO A 202 8.75 -8.27 4.39
CA PRO A 202 8.56 -8.19 2.95
C PRO A 202 9.91 -8.11 2.24
N ILE A 203 10.65 -9.22 2.32
CA ILE A 203 12.05 -9.32 1.92
C ILE A 203 12.35 -8.78 0.52
N ARG A 204 11.51 -9.14 -0.44
CA ARG A 204 11.73 -8.80 -1.84
C ARG A 204 11.56 -7.29 -2.12
N TRP A 205 10.88 -6.58 -1.23
CA TRP A 205 10.70 -5.12 -1.34
C TRP A 205 11.68 -4.31 -0.50
N MET A 206 12.56 -5.00 0.24
CA MET A 206 13.42 -4.38 1.25
C MET A 206 14.84 -4.15 0.74
N PRO A 207 15.46 -2.99 1.09
CA PRO A 207 16.84 -2.70 0.68
C PRO A 207 17.91 -3.46 1.46
N PRO A 208 19.18 -3.36 1.02
CA PRO A 208 20.33 -3.93 1.75
C PRO A 208 20.43 -3.54 3.22
N GLU A 209 20.29 -2.25 3.55
CA GLU A 209 20.44 -1.79 4.94
C GLU A 209 19.40 -2.39 5.89
N SER A 210 18.20 -2.66 5.38
CA SER A 210 17.14 -3.31 6.17
C SER A 210 17.44 -4.79 6.39
N ILE A 211 17.82 -5.48 5.33
CA ILE A 211 18.19 -6.89 5.41
C ILE A 211 19.43 -7.08 6.29
N LEU A 212 20.50 -6.36 5.97
CA LEU A 212 21.80 -6.50 6.64
C LEU A 212 21.83 -5.85 8.03
N TYR A 213 21.56 -4.55 8.08
CA TYR A 213 21.75 -3.74 9.30
C TYR A 213 20.51 -3.49 10.16
N ARG A 214 19.35 -4.03 9.75
CA ARG A 214 18.06 -3.81 10.44
C ARG A 214 17.60 -2.33 10.51
N LYS A 215 18.04 -1.52 9.54
CA LYS A 215 17.73 -0.08 9.52
C LYS A 215 16.65 0.23 8.49
N PHE A 216 15.73 1.13 8.88
CA PHE A 216 14.63 1.58 8.02
C PHE A 216 14.50 3.09 8.15
N THR A 217 14.74 3.80 7.05
CA THR A 217 14.60 5.26 6.97
C THR A 217 13.61 5.58 5.85
N THR A 218 13.41 6.86 5.56
CA THR A 218 12.60 7.25 4.39
C THR A 218 13.27 6.87 3.06
N GLU A 219 14.60 6.78 3.07
CA GLU A 219 15.38 6.35 1.91
C GLU A 219 15.17 4.87 1.61
N SER A 220 14.83 4.07 2.62
CA SER A 220 14.47 2.66 2.44
C SER A 220 13.12 2.49 1.75
N ASP A 221 12.19 3.41 2.02
CA ASP A 221 10.91 3.47 1.29
C ASP A 221 11.08 3.83 -0.19
N VAL A 222 12.13 4.60 -0.51
CA VAL A 222 12.47 4.92 -1.90
C VAL A 222 12.87 3.66 -2.65
N TRP A 223 13.70 2.83 -2.00
CA TRP A 223 14.07 1.52 -2.55
C TRP A 223 12.81 0.72 -2.82
N SER A 224 11.98 0.60 -1.79
CA SER A 224 10.70 -0.11 -1.90
C SER A 224 9.81 0.43 -3.02
N PHE A 225 9.79 1.75 -3.18
CA PHE A 225 9.05 2.35 -4.30
C PHE A 225 9.59 1.93 -5.67
N GLY A 226 10.91 1.85 -5.80
CA GLY A 226 11.53 1.35 -7.03
C GLY A 226 11.06 -0.05 -7.42
N VAL A 227 10.81 -0.88 -6.40
CA VAL A 227 10.28 -2.23 -6.60
C VAL A 227 8.79 -2.16 -7.00
N VAL A 228 8.04 -1.23 -6.40
CA VAL A 228 6.65 -0.97 -6.80
C VAL A 228 6.58 -0.57 -8.27
N LEU A 229 7.50 0.29 -8.67
CA LEU A 229 7.62 0.74 -10.06
C LEU A 229 7.79 -0.48 -10.98
N TRP A 230 8.67 -1.40 -10.59
CA TRP A 230 8.87 -2.68 -11.27
C TRP A 230 7.59 -3.54 -11.31
N GLU A 231 6.88 -3.61 -10.17
CA GLU A 231 5.58 -4.31 -10.10
C GLU A 231 4.59 -3.79 -11.13
N ILE A 232 4.44 -2.46 -11.17
CA ILE A 232 3.51 -1.77 -12.07
C ILE A 232 3.76 -2.13 -13.52
N PHE A 233 5.03 -2.11 -13.93
CA PHE A 233 5.41 -2.38 -15.33
C PHE A 233 5.58 -3.87 -15.69
N THR A 234 5.46 -4.75 -14.70
CA THR A 234 5.30 -6.20 -14.94
C THR A 234 3.86 -6.68 -14.69
N TYR A 235 2.93 -5.74 -14.47
CA TYR A 235 1.53 -6.05 -14.16
C TYR A 235 1.38 -6.96 -12.93
N GLY A 236 2.05 -6.59 -11.85
CA GLY A 236 1.92 -7.25 -10.55
C GLY A 236 2.69 -8.54 -10.35
N LYS A 237 3.67 -8.81 -11.21
CA LYS A 237 4.52 -10.00 -11.05
C LYS A 237 5.39 -9.84 -9.80
N GLN A 238 5.68 -10.96 -9.14
CA GLN A 238 6.47 -10.93 -7.90
C GLN A 238 7.95 -10.66 -8.22
N PRO A 239 8.61 -9.78 -7.44
CA PRO A 239 10.04 -9.60 -7.67
C PRO A 239 10.82 -10.87 -7.34
N TRP A 240 11.71 -11.27 -8.25
CA TRP A 240 12.45 -12.52 -8.15
C TRP A 240 11.55 -13.74 -8.05
N TYR A 241 10.47 -13.78 -8.84
CA TYR A 241 9.42 -14.81 -8.72
C TYR A 241 9.95 -16.25 -8.79
N GLN A 242 10.99 -16.47 -9.58
CA GLN A 242 11.67 -17.78 -9.67
C GLN A 242 12.42 -18.15 -8.38
N LEU A 243 12.99 -17.15 -7.72
CA LEU A 243 13.87 -17.37 -6.56
C LEU A 243 13.12 -17.51 -5.24
N SER A 244 13.73 -18.26 -4.32
CA SER A 244 13.25 -18.40 -2.95
C SER A 244 13.59 -17.15 -2.14
N ASN A 245 13.05 -17.09 -0.92
CA ASN A 245 13.28 -15.96 -0.02
C ASN A 245 14.75 -15.73 0.30
N THR A 246 15.48 -16.81 0.59
CA THR A 246 16.91 -16.75 0.87
C THR A 246 17.72 -16.36 -0.37
N GLU A 247 17.38 -16.97 -1.50
CA GLU A 247 17.98 -16.62 -2.80
C GLU A 247 17.76 -15.15 -3.18
N ALA A 248 16.58 -14.63 -2.86
CA ALA A 248 16.26 -13.21 -3.10
C ALA A 248 17.07 -12.29 -2.18
N ILE A 249 17.22 -12.69 -0.92
CA ILE A 249 18.11 -12.02 0.04
C ILE A 249 19.55 -11.97 -0.47
N ASP A 250 20.01 -13.07 -1.05
CA ASP A 250 21.33 -13.13 -1.68
C ASP A 250 21.47 -12.12 -2.82
N CYS A 251 20.44 -11.99 -3.66
CA CYS A 251 20.45 -11.03 -4.78
C CYS A 251 20.59 -9.58 -4.30
N ILE A 252 19.74 -9.21 -3.34
CA ILE A 252 19.67 -7.85 -2.81
C ILE A 252 20.98 -7.47 -2.10
N THR A 253 21.50 -8.39 -1.29
CA THR A 253 22.73 -8.15 -0.53
C THR A 253 24.00 -8.25 -1.37
N GLN A 254 23.96 -8.96 -2.50
CA GLN A 254 25.06 -8.96 -3.48
C GLN A 254 24.99 -7.86 -4.54
N GLY A 255 23.95 -7.03 -4.50
CA GLY A 255 23.79 -5.91 -5.44
C GLY A 255 23.27 -6.29 -6.82
N ARG A 256 22.62 -7.46 -6.91
CA ARG A 256 22.02 -7.93 -8.14
C ARG A 256 20.62 -7.31 -8.24
N GLU A 257 20.39 -6.54 -9.31
CA GLU A 257 19.15 -5.76 -9.48
C GLU A 257 18.14 -6.43 -10.39
N LEU A 258 16.87 -6.06 -10.21
CA LEU A 258 15.77 -6.58 -11.03
C LEU A 258 15.93 -6.14 -12.48
N GLU A 259 15.57 -7.03 -13.40
CA GLU A 259 15.71 -6.79 -14.84
C GLU A 259 14.70 -5.74 -15.28
N ARG A 260 14.96 -5.12 -16.42
CA ARG A 260 14.01 -4.16 -17.00
C ARG A 260 12.80 -4.92 -17.53
N PRO A 261 11.58 -4.57 -17.08
CA PRO A 261 10.39 -5.23 -17.61
C PRO A 261 10.17 -5.04 -19.10
N ARG A 262 9.45 -5.99 -19.70
CA ARG A 262 9.15 -5.98 -21.13
C ARG A 262 8.41 -4.70 -21.57
N ALA A 263 7.44 -4.25 -20.76
CA ALA A 263 6.63 -3.06 -21.05
C ALA A 263 7.20 -1.73 -20.49
N CYS A 264 8.45 -1.73 -20.01
CA CYS A 264 9.05 -0.59 -19.32
C CYS A 264 10.05 0.13 -20.22
N PRO A 265 9.86 1.44 -20.46
CA PRO A 265 10.88 2.19 -21.20
C PRO A 265 12.15 2.41 -20.38
N PRO A 266 13.32 2.59 -21.03
CA PRO A 266 14.59 2.89 -20.34
C PRO A 266 14.55 4.09 -19.40
N GLU A 267 13.78 5.11 -19.78
CA GLU A 267 13.59 6.31 -18.96
C GLU A 267 12.96 5.99 -17.61
N VAL A 268 12.00 5.06 -17.63
CA VAL A 268 11.34 4.57 -16.41
C VAL A 268 12.26 3.62 -15.63
N TYR A 269 13.00 2.78 -16.33
CA TYR A 269 13.98 1.90 -15.68
C TYR A 269 15.13 2.67 -15.00
N ALA A 270 15.49 3.83 -15.56
CA ALA A 270 16.50 4.70 -14.96
C ALA A 270 16.06 5.21 -13.58
N ILE A 271 14.76 5.47 -13.43
CA ILE A 271 14.19 5.88 -12.13
C ILE A 271 14.34 4.74 -11.12
N MET A 272 13.98 3.52 -11.53
CA MET A 272 14.13 2.33 -10.70
C MET A 272 15.57 2.12 -10.25
N ARG A 273 16.51 2.21 -11.19
CA ARG A 273 17.94 2.09 -10.89
C ARG A 273 18.42 3.15 -9.90
N GLY A 274 17.84 4.35 -9.99
CA GLY A 274 18.11 5.43 -9.04
C GLY A 274 17.65 5.12 -7.63
N CYS A 275 16.50 4.46 -7.52
CA CYS A 275 15.97 3.98 -6.24
C CYS A 275 16.80 2.87 -5.61
N TRP A 276 17.47 2.08 -6.45
CA TRP A 276 18.21 0.88 -6.01
C TRP A 276 19.72 1.07 -5.79
N GLN A 277 20.16 2.30 -5.49
CA GLN A 277 21.55 2.53 -5.09
C GLN A 277 21.78 1.88 -3.73
N ARG A 278 22.93 1.24 -3.55
CA ARG A 278 23.25 0.54 -2.30
C ARG A 278 23.25 1.51 -1.13
N GLU A 279 23.99 2.61 -1.27
CA GLU A 279 24.04 3.68 -0.29
C GLU A 279 22.71 4.45 -0.26
N PRO A 280 22.01 4.49 0.89
CA PRO A 280 20.76 5.25 1.00
C PRO A 280 20.85 6.75 0.64
N GLN A 281 21.94 7.40 1.06
CA GLN A 281 22.19 8.82 0.74
C GLN A 281 22.40 9.09 -0.77
N GLN A 282 22.88 8.08 -1.50
CA GLN A 282 23.07 8.17 -2.96
C GLN A 282 21.78 8.03 -3.78
N ARG A 283 20.71 7.55 -3.16
CA ARG A 283 19.42 7.42 -3.82
C ARG A 283 18.79 8.79 -4.03
N HIS A 284 17.99 8.92 -5.08
CA HIS A 284 17.23 10.14 -5.32
C HIS A 284 16.16 10.28 -4.25
N SER A 285 15.81 11.52 -3.93
CA SER A 285 14.70 11.78 -3.00
C SER A 285 13.40 11.35 -3.64
N ILE A 286 12.39 11.10 -2.81
CA ILE A 286 11.05 10.75 -3.29
C ILE A 286 10.38 11.93 -4.02
N LYS A 287 10.69 13.17 -3.62
CA LYS A 287 10.27 14.37 -4.38
C LYS A 287 10.81 14.37 -5.82
N ASP A 288 12.10 14.10 -5.95
CA ASP A 288 12.77 14.01 -7.27
C ASP A 288 12.23 12.87 -8.13
N VAL A 289 12.01 11.70 -7.52
CA VAL A 289 11.40 10.55 -8.22
C VAL A 289 9.97 10.88 -8.66
N HIS A 290 9.20 11.51 -7.77
CA HIS A 290 7.82 11.91 -8.06
C HIS A 290 7.75 12.88 -9.23
N ALA A 291 8.57 13.93 -9.18
CA ALA A 291 8.63 14.94 -10.23
C ALA A 291 9.00 14.37 -11.60
N ARG A 292 9.90 13.40 -11.61
CA ARG A 292 10.35 12.76 -12.85
C ARG A 292 9.24 11.87 -13.44
N LEU A 293 8.54 11.14 -12.57
CA LEU A 293 7.37 10.36 -12.97
C LEU A 293 6.23 11.22 -13.48
N GLN A 294 5.99 12.34 -12.80
CA GLN A 294 4.96 13.29 -13.20
C GLN A 294 5.29 13.96 -14.54
N ALA A 295 6.57 14.24 -14.77
CA ALA A 295 7.03 14.77 -16.05
C ALA A 295 6.76 13.76 -17.17
N LEU A 296 7.20 12.53 -16.96
CA LEU A 296 6.94 11.44 -17.91
C LEU A 296 5.45 11.13 -18.14
N ALA A 297 4.63 11.30 -17.10
CA ALA A 297 3.17 11.09 -17.21
C ALA A 297 2.49 12.11 -18.12
N GLN A 298 2.95 13.36 -18.08
CA GLN A 298 2.46 14.43 -18.96
C GLN A 298 2.82 14.19 -20.43
N ALA A 299 3.99 13.60 -20.67
CA ALA A 299 4.48 13.28 -22.00
C ALA A 299 5.13 11.90 -22.01
N PRO A 300 4.31 10.82 -22.13
CA PRO A 300 4.84 9.46 -22.12
C PRO A 300 5.81 9.17 -23.26
N PRO A 301 7.00 8.63 -22.96
CA PRO A 301 7.98 8.34 -24.01
C PRO A 301 7.54 7.27 -24.98
N VAL A 302 8.13 7.28 -26.17
CA VAL A 302 7.82 6.30 -27.20
C VAL A 302 8.68 5.08 -26.91
N TYR A 303 8.05 3.91 -26.81
CA TYR A 303 8.76 2.67 -26.52
C TYR A 303 8.11 1.45 -27.19
N LEU A 304 8.96 0.60 -27.78
CA LEU A 304 8.53 -0.67 -28.40
C LEU A 304 8.94 -1.83 -27.47
C1 RCH B . 0.86 4.27 6.46
C2 RCH B . -0.51 4.60 5.83
C3 RCH B . -0.37 4.60 4.28
C4 RCH B . -0.99 6.00 6.31
C6 RCH B . -2.79 3.50 5.87
C8 RCH B . -3.63 2.33 6.29
C12 RCH B . -4.29 0.54 7.80
C15 RCH B . -6.41 0.41 4.86
C16 RCH B . -7.21 0.11 4.06
C17 RCH B . -8.19 -0.27 3.10
C18 RCH B . -8.01 -1.59 2.70
C19 RCH B . -8.86 -2.09 1.75
O20 RCH B . -8.88 -3.29 1.19
C21 RCH B . -9.83 -3.40 0.28
C23 RCH B . -9.88 -1.31 1.18
C24 RCH B . -10.07 0.02 1.60
C30 RCH B . -13.12 -4.07 -3.54
C31 RCH B . -12.43 -5.28 -3.45
C34 RCH B . -12.73 -5.45 -6.86
C37 RCH B . -11.45 -5.41 -2.47
C38 RCH B . -11.16 -4.39 -1.57
C39 RCH B . -10.07 -4.62 -0.55
C40 RCH B . -8.76 -4.89 -1.29
N5 RCH B . -1.47 3.53 6.20
O7 RCH B . -3.31 4.40 5.21
C9 RCH B . -4.63 1.87 5.44
C10 RCH B . -5.44 0.78 5.81
N11 RCH B . -5.24 0.14 6.97
C13 RCH B . -4.11 -0.19 9.09
C14 RCH B . -3.46 1.63 7.51
C22 RCH B . -10.52 -2.21 0.22
C25 RCH B . -9.20 0.53 2.55
C26 RCH B . -11.60 -2.02 -0.76
O27 RCH B . -12.20 -0.96 -0.83
C28 RCH B . -11.87 -3.18 -1.68
C29 RCH B . -12.85 -3.05 -2.67
N32 RCH B . -12.64 -6.40 -4.27
S33 RCH B . -13.60 -6.45 -5.63
O35 RCH B . -13.54 -7.84 -5.98
O36 RCH B . -14.84 -5.88 -5.27
C41 RCH B . -10.38 -5.81 0.36
#